data_3BIV
#
_entry.id   3BIV
#
_cell.length_a   70.7
_cell.length_b   71.5
_cell.length_c   72.8
_cell.angle_alpha   90.0
_cell.angle_beta   100.9
_cell.angle_gamma   90.0
#
_symmetry.space_group_name_H-M   'C 1 2 1'
#
loop_
_entity.id
_entity.type
_entity.pdbx_description
1 polymer 'Thrombin light chain'
2 polymer 'Thrombin heavy chain'
3 polymer Hirudin
4 non-polymer 2-acetamido-2-deoxy-beta-D-glucopyranose
5 non-polymer (S)-N-(4-carbamimidoylbenzyl)-1-(2-(cyclohexylamino)ethanoyl)pyrrolidine-2-carboxamide
6 water water
#
loop_
_entity_poly.entity_id
_entity_poly.type
_entity_poly.pdbx_seq_one_letter_code
_entity_poly.pdbx_strand_id
1 'polypeptide(L)' EADCGLRPLFEKKSLEDKTERELLESYID L
2 'polypeptide(L)'
;IVEGSDAEIGMSPWQVMLFRKSPQELLCGASLISDRWVLTAAHCLLYPPWDKNFTENDLLVRIGKHSRTRYERNIEKISM
LEKIYIHPRYNWRENLDRDIALMKLKKPVAFSDYIHPVCLPDRETAASLLQAGYKGRVTGWGNLKETWTANVGKGQPSVL
QVVNLPIVERPVCKDSTRIRITDNMFCAGYKPDEGKRGDACEGDSGGPFVMKSPFNNRWYQMGIVSWGEGCDRDGKYGFY
THVFRLKKWIQKVIDQF
;
H
3 'polypeptide(L)' NGDFEEIPEE(TYS)L I
#
# COMPACT_ATOMS: atom_id res chain seq x y z
N GLU A 1 9.25 -12.34 -9.67
CA GLU A 1 10.42 -11.61 -10.13
C GLU A 1 11.67 -12.15 -9.45
N ALA A 2 11.52 -13.30 -8.82
CA ALA A 2 12.59 -14.05 -8.18
C ALA A 2 13.57 -13.18 -7.40
N ASP A 3 13.50 -11.87 -7.61
CA ASP A 3 14.30 -10.90 -6.84
C ASP A 3 13.36 -9.96 -6.11
N CYS A 4 12.08 -10.33 -6.06
CA CYS A 4 11.12 -9.46 -5.37
C CYS A 4 11.49 -9.23 -3.91
N GLY A 5 11.17 -8.02 -3.43
CA GLY A 5 11.20 -7.76 -2.00
C GLY A 5 12.59 -7.60 -1.43
N LEU A 6 13.60 -7.52 -2.28
CA LEU A 6 14.98 -7.24 -1.92
C LEU A 6 15.38 -5.85 -2.43
N ARG A 7 15.59 -4.91 -1.54
CA ARG A 7 15.77 -3.51 -1.93
C ARG A 7 17.23 -3.27 -2.28
N PRO A 8 17.44 -2.67 -3.46
CA PRO A 8 18.79 -2.34 -3.90
C PRO A 8 19.53 -1.54 -2.84
N LEU A 9 18.84 -0.62 -2.15
CA LEU A 9 19.63 0.21 -1.25
C LEU A 9 19.71 -0.34 0.16
N PHE A 10 19.11 -1.50 0.41
CA PHE A 10 19.14 -2.11 1.74
C PHE A 10 19.53 -3.58 1.67
N GLU A 11 18.60 -4.52 1.51
CA GLU A 11 18.97 -5.93 1.49
C GLU A 11 20.08 -6.26 0.51
N LYS A 12 20.00 -5.71 -0.72
CA LYS A 12 21.01 -6.08 -1.71
C LYS A 12 22.38 -5.59 -1.32
N LYS A 13 22.57 -4.59 -0.45
CA LYS A 13 23.93 -4.25 -0.02
C LYS A 13 24.14 -4.54 1.46
N SER A 14 23.31 -5.35 2.08
CA SER A 14 23.35 -5.68 3.49
C SER A 14 23.33 -4.46 4.41
N LEU A 15 22.46 -3.53 4.05
CA LEU A 15 22.18 -2.39 4.89
C LEU A 15 20.75 -2.54 5.42
N GLU A 16 20.53 -2.14 6.65
CA GLU A 16 19.19 -2.16 7.23
C GLU A 16 18.66 -0.73 7.43
N ASP A 17 17.35 -0.56 7.26
CA ASP A 17 16.75 0.75 7.49
C ASP A 17 16.54 1.00 8.97
N LYS A 18 16.09 2.20 9.36
CA LYS A 18 16.13 2.53 10.77
C LYS A 18 15.12 1.83 11.67
N THR A 19 14.05 1.28 11.15
CA THR A 19 13.02 0.70 12.04
C THR A 19 12.68 -0.71 11.66
N GLU A 20 13.41 -1.30 10.70
CA GLU A 20 13.03 -2.71 10.40
C GLU A 20 13.28 -3.61 11.59
N ARG A 21 14.24 -3.29 12.49
CA ARG A 21 14.43 -4.20 13.63
C ARG A 21 13.19 -4.30 14.52
N GLU A 22 12.38 -3.23 14.56
CA GLU A 22 11.14 -3.18 15.31
C GLU A 22 10.20 -4.28 14.79
N LEU A 23 10.13 -4.41 13.46
CA LEU A 23 9.28 -5.50 12.97
C LEU A 23 9.84 -6.85 13.42
N LEU A 24 11.14 -7.03 13.23
CA LEU A 24 11.76 -8.32 13.56
C LEU A 24 11.52 -8.70 15.02
N GLU A 25 11.58 -7.74 15.93
CA GLU A 25 11.39 -8.05 17.35
C GLU A 25 9.94 -8.43 17.64
N SER A 26 9.01 -8.07 16.75
CA SER A 26 7.62 -8.44 16.97
C SER A 26 7.30 -9.83 16.43
N TYR A 27 8.21 -10.35 15.61
CA TYR A 27 7.99 -11.66 15.01
C TYR A 27 8.51 -12.73 15.97
N ILE A 28 7.80 -12.90 17.07
CA ILE A 28 8.34 -13.65 18.21
C ILE A 28 8.40 -15.16 18.02
N ASP A 29 8.03 -15.73 16.88
CA ASP A 29 8.05 -17.19 16.74
C ASP A 29 9.20 -17.70 15.90
N ILE B 1 -0.53 9.40 6.26
CA ILE B 1 -0.02 8.69 7.43
C ILE B 1 0.06 9.61 8.63
N VAL B 2 -0.69 9.28 9.68
CA VAL B 2 -0.65 10.08 10.90
C VAL B 2 0.36 9.53 11.90
N GLU B 3 1.21 10.40 12.43
CA GLU B 3 2.13 10.00 13.48
C GLU B 3 3.17 9.01 12.98
N GLY B 4 3.52 9.13 11.72
CA GLY B 4 4.56 8.28 11.13
C GLY B 4 5.86 9.10 11.05
N SER B 5 6.78 8.78 10.16
CA SER B 5 8.01 9.56 9.99
C SER B 5 8.42 9.62 8.51
N ASP B 6 9.35 10.49 8.15
CA ASP B 6 9.83 10.55 6.77
C ASP B 6 10.44 9.21 6.36
N ALA B 7 10.15 8.72 5.17
CA ALA B 7 10.80 7.47 4.76
C ALA B 7 12.26 7.71 4.44
N GLU B 8 13.09 6.67 4.54
CA GLU B 8 14.45 6.76 4.02
C GLU B 8 14.42 6.62 2.50
N ILE B 9 15.45 7.12 1.81
CA ILE B 9 15.54 6.94 0.37
C ILE B 9 15.64 5.47 -0.03
N GLY B 10 14.82 4.99 -0.95
CA GLY B 10 14.91 3.59 -1.34
C GLY B 10 14.32 2.63 -0.34
N MET B 11 13.66 3.16 0.70
CA MET B 11 13.06 2.35 1.74
C MET B 11 11.86 1.51 1.27
N SER B 12 11.10 2.02 0.32
CA SER B 12 9.87 1.39 -0.18
C SER B 12 9.80 1.56 -1.68
N PRO B 13 10.72 0.90 -2.38
CA PRO B 13 10.90 1.15 -3.81
C PRO B 13 9.81 0.53 -4.67
N TRP B 14 8.88 -0.19 -4.06
CA TRP B 14 7.67 -0.69 -4.67
C TRP B 14 6.54 0.33 -4.53
N GLN B 15 6.76 1.43 -3.85
CA GLN B 15 5.69 2.42 -3.68
C GLN B 15 5.29 3.10 -4.98
N VAL B 16 3.99 3.09 -5.24
CA VAL B 16 3.47 3.77 -6.44
C VAL B 16 2.53 4.88 -6.01
N MET B 17 2.62 6.00 -6.71
CA MET B 17 1.65 7.07 -6.57
C MET B 17 0.69 7.00 -7.77
N LEU B 18 -0.60 6.82 -7.55
CA LEU B 18 -1.60 6.98 -8.61
C LEU B 18 -1.90 8.48 -8.73
N PHE B 19 -1.71 9.03 -9.92
CA PHE B 19 -1.80 10.48 -10.06
C PHE B 19 -2.85 10.91 -11.07
N ARG B 20 -3.75 11.81 -10.69
CA ARG B 20 -4.80 12.20 -11.63
C ARG B 20 -4.26 13.20 -12.65
N LYS B 21 -4.59 12.97 -13.92
CA LYS B 21 -4.07 13.78 -15.03
C LYS B 21 -4.65 15.19 -14.98
N SER B 22 -5.97 15.27 -14.84
CA SER B 22 -6.59 16.60 -14.81
C SER B 22 -7.86 16.58 -13.97
N PRO B 23 -7.86 17.28 -12.85
CA PRO B 23 -6.70 18.09 -12.43
C PRO B 23 -5.63 17.25 -11.73
N GLN B 24 -4.42 17.76 -11.80
CA GLN B 24 -3.24 17.04 -11.30
C GLN B 24 -3.28 16.97 -9.78
N GLU B 25 -3.69 15.80 -9.28
CA GLU B 25 -3.80 15.58 -7.84
C GLU B 25 -3.30 14.18 -7.50
N LEU B 26 -3.03 13.97 -6.21
CA LEU B 26 -2.79 12.64 -5.67
C LEU B 26 -4.11 11.89 -5.73
N LEU B 27 -4.13 10.70 -6.35
CA LEU B 27 -5.40 9.96 -6.30
C LEU B 27 -5.36 8.96 -5.15
N CYS B 28 -4.25 8.23 -5.08
CA CYS B 28 -4.13 7.11 -4.15
C CYS B 28 -2.69 6.58 -4.15
N GLY B 29 -2.47 5.64 -3.26
CA GLY B 29 -1.27 4.83 -3.21
C GLY B 29 -1.49 3.58 -4.06
N ALA B 30 -0.45 2.79 -4.26
CA ALA B 30 -0.44 1.57 -5.00
C ALA B 30 0.94 0.91 -4.81
N SER B 31 1.12 -0.27 -5.36
CA SER B 31 2.42 -0.93 -5.24
C SER B 31 2.83 -1.65 -6.50
N LEU B 32 4.13 -1.73 -6.71
CA LEU B 32 4.65 -2.42 -7.90
C LEU B 32 4.86 -3.88 -7.59
N ILE B 33 4.25 -4.80 -8.34
CA ILE B 33 4.42 -6.22 -8.05
C ILE B 33 5.10 -6.97 -9.19
N SER B 34 5.37 -6.26 -10.28
CA SER B 34 6.22 -6.80 -11.35
C SER B 34 6.62 -5.66 -12.26
N ASP B 35 7.25 -5.92 -13.39
CA ASP B 35 7.66 -4.73 -14.16
C ASP B 35 6.48 -4.18 -14.94
N ARG B 36 5.34 -4.90 -14.92
CA ARG B 36 4.20 -4.30 -15.63
C ARG B 36 2.90 -4.33 -14.86
N TRP B 37 2.88 -4.77 -13.60
CA TRP B 37 1.62 -4.84 -12.88
C TRP B 37 1.70 -4.06 -11.55
N VAL B 38 0.67 -3.26 -11.32
CA VAL B 38 0.52 -2.43 -10.14
C VAL B 38 -0.73 -2.82 -9.36
N LEU B 39 -0.63 -2.95 -8.05
CA LEU B 39 -1.72 -3.36 -7.20
C LEU B 39 -2.25 -2.15 -6.45
N THR B 40 -3.57 -2.00 -6.32
CA THR B 40 -4.11 -0.89 -5.52
C THR B 40 -5.44 -1.30 -4.90
N ALA B 41 -6.17 -0.36 -4.34
CA ALA B 41 -7.49 -0.66 -3.79
C ALA B 41 -8.53 -0.35 -4.88
N ALA B 42 -9.53 -1.22 -5.01
CA ALA B 42 -10.59 -0.95 -5.99
C ALA B 42 -11.24 0.39 -5.72
N HIS B 43 -11.44 0.82 -4.47
CA HIS B 43 -12.16 2.06 -4.23
C HIS B 43 -11.36 3.24 -4.80
N CYS B 44 -10.10 3.09 -5.14
CA CYS B 44 -9.30 4.15 -5.74
C CYS B 44 -9.81 4.43 -7.15
N LEU B 45 -10.50 3.43 -7.69
CA LEU B 45 -10.89 3.56 -9.09
C LEU B 45 -12.40 3.68 -9.25
N LEU B 46 -13.10 2.91 -8.42
CA LEU B 46 -14.56 2.75 -8.48
C LEU B 46 -15.18 2.97 -7.11
N TYR B 47 -15.90 4.06 -6.90
CA TYR B 47 -16.66 4.27 -5.67
C TYR B 47 -17.89 5.13 -5.99
N PRO B 48 -18.90 4.48 -6.55
CA PRO B 48 -20.09 5.24 -6.98
C PRO B 48 -20.75 6.04 -5.87
N PRO B 49 -20.78 5.77 -4.58
CA PRO B 49 -21.43 6.73 -3.66
C PRO B 49 -20.78 8.11 -3.70
N TRP B 50 -19.53 8.17 -4.15
CA TRP B 50 -18.89 9.47 -4.29
C TRP B 50 -18.69 9.83 -5.76
N ASP B 51 -19.42 9.17 -6.64
CA ASP B 51 -19.29 9.44 -8.07
C ASP B 51 -17.88 9.23 -8.58
N LYS B 52 -17.13 8.32 -7.95
CA LYS B 52 -15.79 8.06 -8.48
C LYS B 52 -15.82 6.84 -9.39
N ASN B 53 -15.39 7.05 -10.62
CA ASN B 53 -15.27 6.01 -11.64
C ASN B 53 -14.17 6.36 -12.62
N PHE B 54 -12.95 5.87 -12.41
CA PHE B 54 -11.84 6.26 -13.26
C PHE B 54 -11.51 5.21 -14.31
N THR B 55 -11.22 5.66 -15.52
CA THR B 55 -10.70 4.71 -16.51
C THR B 55 -9.22 4.98 -16.77
N GLU B 56 -8.66 4.11 -17.59
CA GLU B 56 -7.24 4.06 -17.89
C GLU B 56 -6.70 5.45 -18.19
N ASN B 57 -7.39 6.19 -19.05
CA ASN B 57 -6.76 7.42 -19.55
C ASN B 57 -6.94 8.56 -18.59
N ASP B 58 -7.68 8.33 -17.50
CA ASP B 58 -7.76 9.39 -16.50
C ASP B 58 -6.52 9.51 -15.64
N LEU B 59 -5.60 8.54 -15.69
CA LEU B 59 -4.48 8.69 -14.76
C LEU B 59 -3.15 8.13 -15.25
N LEU B 60 -2.20 8.29 -14.32
CA LEU B 60 -0.81 7.91 -14.53
C LEU B 60 -0.25 7.28 -13.25
N VAL B 61 0.67 6.33 -13.42
CA VAL B 61 1.35 5.77 -12.25
C VAL B 61 2.74 6.40 -12.12
N ARG B 62 3.08 6.91 -10.94
CA ARG B 62 4.41 7.49 -10.78
C ARG B 62 5.21 6.60 -9.82
N ILE B 63 6.31 6.07 -10.33
CA ILE B 63 7.06 5.07 -9.56
C ILE B 63 8.45 5.61 -9.21
N GLY B 64 8.99 5.21 -8.07
CA GLY B 64 10.33 5.65 -7.69
C GLY B 64 10.30 6.98 -6.96
N LYS B 65 9.14 7.45 -6.51
CA LYS B 65 9.00 8.75 -5.89
C LYS B 65 9.35 8.79 -4.41
N HIS B 66 9.76 9.99 -3.98
CA HIS B 66 10.00 10.29 -2.59
C HIS B 66 9.29 11.56 -2.19
N SER B 67 9.57 12.64 -2.91
CA SER B 67 8.86 13.90 -2.67
C SER B 67 7.43 13.71 -3.14
N ARG B 68 6.46 14.29 -2.44
CA ARG B 68 5.06 14.27 -2.84
C ARG B 68 4.81 15.06 -4.13
N THR B 69 5.08 16.35 -4.12
CA THR B 69 4.72 17.29 -5.18
C THR B 69 5.70 17.48 -6.32
N ARG B 70 6.99 17.21 -6.15
CA ARG B 70 7.97 17.50 -7.18
C ARG B 70 8.07 16.46 -8.29
N TYR B 71 8.44 16.87 -9.50
CA TYR B 71 8.71 15.95 -10.59
C TYR B 71 10.15 15.46 -10.46
N GLU B 72 10.37 14.28 -9.92
CA GLU B 72 11.73 13.90 -9.50
C GLU B 72 12.54 13.40 -10.67
N ARG B 73 13.07 14.41 -11.41
CA ARG B 73 13.82 14.21 -12.62
C ARG B 73 14.99 13.22 -12.47
N ASN B 74 15.08 12.26 -13.38
CA ASN B 74 16.11 11.25 -13.44
C ASN B 74 15.91 10.22 -12.32
N ILE B 75 14.74 10.22 -11.69
CA ILE B 75 14.57 9.25 -10.60
C ILE B 75 13.24 8.54 -10.78
N GLU B 76 12.14 9.29 -10.69
CA GLU B 76 10.86 8.62 -10.90
C GLU B 76 10.64 8.26 -12.36
N LYS B 77 9.74 7.30 -12.59
CA LYS B 77 9.28 6.97 -13.93
C LYS B 77 7.76 7.08 -13.95
N ILE B 78 7.24 7.73 -14.99
CA ILE B 78 5.78 7.95 -15.03
C ILE B 78 5.21 7.04 -16.11
N SER B 79 4.28 6.15 -15.74
CA SER B 79 3.76 5.21 -16.72
C SER B 79 2.27 5.41 -16.98
N MET B 80 1.88 4.93 -18.15
CA MET B 80 0.49 4.95 -18.60
C MET B 80 -0.17 3.59 -18.38
N LEU B 81 -1.47 3.67 -18.10
CA LEU B 81 -2.31 2.49 -17.91
C LEU B 81 -2.78 1.89 -19.23
N GLU B 82 -2.58 0.58 -19.38
CA GLU B 82 -3.16 -0.16 -20.49
C GLU B 82 -4.54 -0.68 -20.11
N LYS B 83 -4.69 -1.32 -18.95
CA LYS B 83 -6.00 -1.76 -18.51
C LYS B 83 -6.09 -1.83 -16.98
N ILE B 84 -7.28 -1.59 -16.47
CA ILE B 84 -7.66 -1.71 -15.07
C ILE B 84 -8.50 -2.96 -14.86
N TYR B 85 -8.29 -3.72 -13.80
CA TYR B 85 -9.12 -4.90 -13.51
C TYR B 85 -9.52 -4.80 -12.04
N ILE B 86 -10.81 -4.58 -11.84
CA ILE B 86 -11.33 -4.55 -10.48
C ILE B 86 -11.92 -5.91 -10.11
N HIS B 87 -11.74 -6.32 -8.85
CA HIS B 87 -12.37 -7.55 -8.40
C HIS B 87 -13.86 -7.51 -8.70
N PRO B 88 -14.41 -8.54 -9.32
CA PRO B 88 -15.82 -8.51 -9.74
C PRO B 88 -16.76 -8.61 -8.54
N ARG B 89 -16.29 -9.09 -7.40
CA ARG B 89 -17.19 -9.08 -6.23
C ARG B 89 -16.76 -8.06 -5.18
N TYR B 90 -15.97 -7.08 -5.59
CA TYR B 90 -15.71 -5.91 -4.77
C TYR B 90 -17.03 -5.36 -4.24
N ASN B 91 -17.12 -5.12 -2.95
CA ASN B 91 -18.41 -4.70 -2.36
C ASN B 91 -18.35 -3.27 -1.85
N TRP B 92 -18.59 -2.35 -2.78
CA TRP B 92 -18.65 -0.93 -2.51
C TRP B 92 -20.01 -0.54 -1.91
N ARG B 93 -21.03 -1.37 -2.04
CA ARG B 93 -22.33 -0.93 -1.53
C ARG B 93 -22.38 -0.96 -0.01
N GLU B 94 -21.69 -1.94 0.53
CA GLU B 94 -21.72 -2.26 1.94
C GLU B 94 -20.46 -1.84 2.69
N ASN B 95 -19.49 -2.77 2.65
CA ASN B 95 -18.32 -2.63 3.52
C ASN B 95 -16.97 -2.68 2.83
N LEU B 96 -16.88 -2.54 1.53
CA LEU B 96 -15.58 -2.54 0.83
C LEU B 96 -14.90 -3.90 0.91
N ASP B 97 -15.69 -4.95 1.14
CA ASP B 97 -15.17 -6.31 1.00
C ASP B 97 -14.52 -6.49 -0.37
N ARG B 98 -13.40 -7.19 -0.38
CA ARG B 98 -12.60 -7.47 -1.57
C ARG B 98 -12.19 -6.17 -2.23
N ASP B 99 -11.69 -5.26 -1.40
CA ASP B 99 -11.21 -3.96 -1.91
C ASP B 99 -9.85 -4.03 -2.59
N ILE B 100 -9.83 -4.49 -3.84
CA ILE B 100 -8.54 -4.79 -4.50
C ILE B 100 -8.68 -4.54 -5.99
N ALA B 101 -7.64 -4.09 -6.67
CA ALA B 101 -7.67 -3.90 -8.12
C ALA B 101 -6.24 -4.03 -8.65
N LEU B 102 -6.13 -4.39 -9.92
CA LEU B 102 -4.88 -4.50 -10.63
C LEU B 102 -4.84 -3.51 -11.79
N MET B 103 -3.64 -3.04 -12.12
CA MET B 103 -3.53 -2.18 -13.29
C MET B 103 -2.34 -2.69 -14.09
N LYS B 104 -2.56 -2.84 -15.39
CA LYS B 104 -1.50 -3.29 -16.28
C LYS B 104 -0.90 -2.06 -16.95
N LEU B 105 0.42 -1.98 -16.96
CA LEU B 105 1.09 -0.83 -17.56
C LEU B 105 1.27 -1.05 -19.07
N LYS B 106 1.29 0.07 -19.79
CA LYS B 106 1.41 0.00 -21.25
C LYS B 106 2.76 -0.59 -21.63
N LYS B 107 3.81 -0.13 -20.96
CA LYS B 107 5.15 -0.66 -21.18
C LYS B 107 5.77 -1.04 -19.83
N PRO B 108 6.74 -1.95 -19.87
CA PRO B 108 7.35 -2.41 -18.60
C PRO B 108 8.13 -1.29 -17.95
N VAL B 109 8.25 -1.26 -16.61
CA VAL B 109 9.06 -0.17 -16.07
C VAL B 109 10.47 -0.70 -15.81
N ALA B 110 11.50 0.12 -15.97
CA ALA B 110 12.86 -0.35 -15.67
C ALA B 110 13.16 -0.28 -14.18
N PHE B 111 13.71 -1.36 -13.62
CA PHE B 111 14.03 -1.35 -12.19
C PHE B 111 15.27 -0.50 -12.00
N SER B 112 15.44 0.01 -10.79
CA SER B 112 16.51 0.94 -10.46
C SER B 112 16.71 0.89 -8.94
N ASP B 113 17.54 1.76 -8.40
CA ASP B 113 17.80 1.83 -6.98
C ASP B 113 16.52 2.22 -6.23
N TYR B 114 15.61 2.85 -6.97
CA TYR B 114 14.43 3.48 -6.36
C TYR B 114 13.14 2.77 -6.75
N ILE B 115 13.24 1.84 -7.69
CA ILE B 115 12.12 1.14 -8.28
C ILE B 115 12.36 -0.36 -8.33
N HIS B 116 11.55 -1.08 -7.55
CA HIS B 116 11.73 -2.51 -7.38
C HIS B 116 10.46 -3.14 -6.84
N PRO B 117 10.08 -4.31 -7.31
CA PRO B 117 8.80 -4.90 -6.87
C PRO B 117 8.87 -5.57 -5.51
N VAL B 118 7.71 -5.52 -4.86
CA VAL B 118 7.51 -6.22 -3.59
C VAL B 118 7.03 -7.64 -3.87
N CYS B 119 7.13 -8.53 -2.88
CA CYS B 119 6.69 -9.91 -3.08
C CYS B 119 5.22 -10.04 -2.66
N LEU B 120 4.53 -11.00 -3.27
CA LEU B 120 3.20 -11.38 -2.77
C LEU B 120 3.31 -12.67 -1.97
N PRO B 121 2.54 -12.75 -0.89
CA PRO B 121 2.57 -13.93 -0.03
C PRO B 121 1.94 -15.18 -0.64
N ASP B 122 2.52 -16.33 -0.28
CA ASP B 122 1.86 -17.62 -0.47
C ASP B 122 1.29 -18.05 0.89
N ARG B 123 0.59 -19.18 0.95
CA ARG B 123 -0.04 -19.62 2.20
C ARG B 123 0.88 -19.67 3.42
N GLU B 124 2.10 -20.20 3.27
CA GLU B 124 2.93 -20.36 4.47
C GLU B 124 3.39 -19.01 5.00
N THR B 125 3.65 -18.07 4.07
CA THR B 125 4.05 -16.74 4.49
C THR B 125 2.94 -16.06 5.29
N ALA B 126 1.75 -16.11 4.72
CA ALA B 126 0.62 -15.47 5.38
C ALA B 126 0.38 -16.10 6.73
N ALA B 127 0.36 -17.44 6.75
CA ALA B 127 0.12 -18.08 8.03
C ALA B 127 1.22 -17.77 9.04
N SER B 128 2.46 -17.69 8.59
CA SER B 128 3.64 -17.38 9.37
C SER B 128 3.62 -15.97 9.95
N LEU B 129 3.27 -15.00 9.10
CA LEU B 129 3.40 -13.61 9.54
C LEU B 129 2.10 -12.93 9.94
N LEU B 130 0.95 -13.38 9.42
CA LEU B 130 -0.27 -12.64 9.78
C LEU B 130 -0.76 -13.04 11.15
N GLN B 131 -0.14 -12.51 12.20
CA GLN B 131 -0.43 -12.90 13.57
C GLN B 131 -0.59 -11.68 14.47
N ALA B 132 -1.59 -11.71 15.35
CA ALA B 132 -1.80 -10.61 16.28
C ALA B 132 -0.50 -10.24 16.97
N GLY B 133 -0.17 -8.95 17.02
CA GLY B 133 1.08 -8.51 17.61
C GLY B 133 2.22 -8.40 16.62
N TYR B 134 2.21 -9.16 15.53
CA TYR B 134 3.26 -9.01 14.53
C TYR B 134 3.08 -7.64 13.87
N LYS B 135 4.15 -6.87 13.68
CA LYS B 135 4.04 -5.58 13.01
C LYS B 135 4.35 -5.63 11.53
N GLY B 136 3.57 -4.88 10.76
CA GLY B 136 3.82 -4.56 9.36
C GLY B 136 4.11 -3.06 9.27
N ARG B 137 4.31 -2.58 8.05
CA ARG B 137 4.73 -1.23 7.74
C ARG B 137 3.82 -0.62 6.67
N VAL B 138 3.30 0.57 6.92
CA VAL B 138 2.41 1.19 5.92
C VAL B 138 3.05 2.49 5.45
N THR B 139 2.94 2.79 4.14
CA THR B 139 3.61 3.97 3.64
C THR B 139 2.70 4.76 2.72
N GLY B 140 2.84 6.09 2.67
CA GLY B 140 1.97 6.83 1.76
C GLY B 140 2.22 8.33 1.81
N TRP B 141 1.66 9.05 0.87
CA TRP B 141 1.72 10.50 0.81
C TRP B 141 0.44 11.16 1.30
N GLY B 142 -0.40 10.41 2.00
CA GLY B 142 -1.69 10.90 2.48
C GLY B 142 -1.59 11.87 3.63
N ASN B 143 -2.74 12.36 4.07
CA ASN B 143 -2.86 13.26 5.20
C ASN B 143 -2.03 12.89 6.43
N LEU B 144 -1.49 13.94 7.04
CA LEU B 144 -0.76 13.83 8.30
C LEU B 144 -1.69 13.93 9.50
N LYS B 145 -2.89 14.47 9.29
CA LYS B 145 -3.89 14.59 10.35
C LYS B 145 -5.27 14.22 9.81
N GLU B 146 -6.18 13.78 10.65
CA GLU B 146 -7.57 13.53 10.30
C GLU B 146 -8.22 14.81 9.77
N THR B 147 -8.01 15.90 10.50
CA THR B 147 -8.57 17.18 10.07
C THR B 147 -7.48 18.19 9.73
N GLY B 155 -1.34 19.02 7.65
CA GLY B 155 -1.79 18.96 6.26
C GLY B 155 -1.19 17.81 5.48
N GLN B 156 -0.40 18.10 4.45
CA GLN B 156 0.20 17.04 3.63
C GLN B 156 1.72 17.02 3.80
N PRO B 157 2.32 15.84 3.60
CA PRO B 157 3.76 15.69 3.83
C PRO B 157 4.59 16.19 2.67
N SER B 158 5.84 16.59 2.94
CA SER B 158 6.73 16.92 1.85
C SER B 158 7.30 15.64 1.23
N VAL B 159 7.46 14.60 2.05
CA VAL B 159 7.98 13.35 1.46
C VAL B 159 7.18 12.13 1.96
N LEU B 160 7.45 11.00 1.33
CA LEU B 160 6.82 9.73 1.69
C LEU B 160 6.89 9.47 3.19
N GLN B 161 5.75 9.05 3.75
CA GLN B 161 5.70 8.80 5.17
C GLN B 161 5.68 7.31 5.47
N VAL B 162 6.21 6.93 6.62
CA VAL B 162 6.19 5.52 7.00
C VAL B 162 5.75 5.32 8.45
N VAL B 163 5.03 4.23 8.72
CA VAL B 163 4.65 3.92 10.10
C VAL B 163 4.64 2.40 10.29
N ASN B 164 5.24 1.90 11.37
CA ASN B 164 5.10 0.48 11.71
C ASN B 164 3.93 0.23 12.66
N LEU B 165 3.04 -0.70 12.38
CA LEU B 165 1.83 -0.97 13.16
C LEU B 165 1.61 -2.45 13.41
N PRO B 166 1.24 -2.87 14.62
CA PRO B 166 0.96 -4.28 14.89
C PRO B 166 -0.42 -4.76 14.44
N ILE B 167 -0.49 -6.01 13.97
CA ILE B 167 -1.77 -6.59 13.54
C ILE B 167 -2.60 -6.81 14.81
N VAL B 168 -3.91 -6.64 14.67
CA VAL B 168 -4.78 -6.74 15.84
C VAL B 168 -5.64 -8.00 15.78
N GLU B 169 -5.88 -8.57 16.96
CA GLU B 169 -6.77 -9.73 17.06
C GLU B 169 -8.13 -9.43 16.40
N ARG B 170 -8.65 -10.39 15.64
CA ARG B 170 -9.95 -10.30 14.98
C ARG B 170 -11.07 -9.86 15.90
N PRO B 171 -11.23 -10.41 17.09
CA PRO B 171 -12.31 -9.92 17.97
C PRO B 171 -12.17 -8.44 18.33
N VAL B 172 -10.97 -7.95 18.64
CA VAL B 172 -10.82 -6.52 18.91
C VAL B 172 -11.18 -5.69 17.70
N CYS B 173 -10.74 -6.10 16.49
CA CYS B 173 -11.13 -5.41 15.28
C CYS B 173 -12.66 -5.32 15.19
N LYS B 174 -13.33 -6.45 15.31
CA LYS B 174 -14.79 -6.45 15.16
C LYS B 174 -15.47 -5.55 16.17
N ASP B 175 -15.02 -5.64 17.43
CA ASP B 175 -15.62 -4.87 18.50
C ASP B 175 -15.30 -3.39 18.42
N SER B 176 -14.45 -3.00 17.47
CA SER B 176 -14.11 -1.59 17.45
C SER B 176 -15.04 -0.84 16.51
N THR B 177 -15.91 -1.55 15.81
CA THR B 177 -16.70 -0.99 14.72
C THR B 177 -18.08 -1.63 14.61
N ARG B 178 -19.03 -0.87 14.07
CA ARG B 178 -20.36 -1.37 13.74
C ARG B 178 -20.36 -2.02 12.36
N ILE B 179 -19.31 -1.75 11.58
CA ILE B 179 -19.27 -2.34 10.23
C ILE B 179 -19.05 -3.84 10.30
N ARG B 180 -19.62 -4.51 9.29
CA ARG B 180 -19.41 -5.94 9.12
C ARG B 180 -18.05 -6.24 8.47
N ILE B 181 -17.16 -6.79 9.30
CA ILE B 181 -15.82 -7.21 8.94
C ILE B 181 -15.83 -8.56 8.24
N THR B 182 -15.03 -8.77 7.19
CA THR B 182 -14.99 -10.07 6.54
C THR B 182 -13.59 -10.68 6.67
N ASP B 183 -13.51 -11.95 6.31
CA ASP B 183 -12.31 -12.74 6.19
C ASP B 183 -11.32 -12.12 5.20
N ASN B 184 -11.78 -11.20 4.35
CA ASN B 184 -10.90 -10.57 3.37
C ASN B 184 -10.29 -9.26 3.87
N MET B 185 -10.42 -9.05 5.17
CA MET B 185 -9.88 -7.88 5.83
C MET B 185 -9.12 -8.24 7.10
N PHE B 186 -8.18 -7.36 7.46
CA PHE B 186 -7.62 -7.47 8.81
C PHE B 186 -7.43 -6.05 9.32
N CYS B 187 -7.24 -5.93 10.65
CA CYS B 187 -6.96 -4.55 11.11
C CYS B 187 -5.62 -4.52 11.86
N ALA B 188 -5.08 -3.30 11.90
CA ALA B 188 -3.79 -3.06 12.52
C ALA B 188 -3.77 -1.71 13.22
N GLY B 189 -2.94 -1.56 14.24
CA GLY B 189 -2.82 -0.30 14.98
C GLY B 189 -2.63 -0.60 16.46
N TYR B 190 -2.15 0.43 17.17
CA TYR B 190 -1.98 0.30 18.61
C TYR B 190 -3.28 0.57 19.36
N LYS B 191 -3.42 -0.12 20.48
CA LYS B 191 -4.57 0.11 21.35
C LYS B 191 -4.26 1.32 22.24
N PRO B 192 -5.30 1.99 22.71
CA PRO B 192 -5.12 3.15 23.59
C PRO B 192 -4.13 2.87 24.72
N ASP B 193 -4.20 1.68 25.31
CA ASP B 193 -3.33 1.25 26.40
C ASP B 193 -1.86 1.17 25.99
N GLU B 194 -1.59 0.91 24.71
CA GLU B 194 -0.25 0.70 24.20
C GLU B 194 0.57 1.98 24.16
N GLY B 195 -0.13 3.11 24.24
CA GLY B 195 0.53 4.40 24.23
C GLY B 195 1.00 4.87 22.87
N LYS B 196 1.61 4.00 22.05
CA LYS B 196 2.07 4.53 20.77
C LYS B 196 0.90 4.69 19.81
N ARG B 197 1.15 5.42 18.73
CA ARG B 197 0.21 5.98 17.80
C ARG B 197 0.57 5.70 16.35
N GLY B 198 -0.37 6.02 15.46
CA GLY B 198 -0.04 5.90 14.04
C GLY B 198 -1.14 5.17 13.29
N ASP B 199 -1.40 5.67 12.07
CA ASP B 199 -2.42 5.09 11.21
C ASP B 199 -2.23 5.57 9.79
N ALA B 200 -2.82 4.86 8.84
CA ALA B 200 -3.01 5.45 7.52
C ALA B 200 -4.14 6.47 7.60
N CYS B 201 -4.38 7.17 6.50
CA CYS B 201 -5.45 8.17 6.44
C CYS B 201 -5.76 8.45 4.97
N GLU B 202 -6.70 9.36 4.75
CA GLU B 202 -7.05 9.90 3.45
C GLU B 202 -5.81 10.12 2.58
N GLY B 203 -5.80 9.57 1.38
CA GLY B 203 -4.66 9.66 0.48
C GLY B 203 -3.71 8.48 0.55
N ASP B 204 -3.70 7.73 1.65
CA ASP B 204 -2.88 6.54 1.78
C ASP B 204 -3.55 5.32 1.15
N SER B 205 -4.83 5.47 0.85
CA SER B 205 -5.66 4.48 0.19
C SER B 205 -4.91 3.75 -0.92
N GLY B 206 -4.99 2.41 -0.95
CA GLY B 206 -4.40 1.69 -2.08
C GLY B 206 -2.95 1.30 -1.81
N GLY B 207 -2.30 1.92 -0.83
CA GLY B 207 -0.87 1.66 -0.67
C GLY B 207 -0.69 0.36 0.11
N PRO B 208 0.57 -0.05 0.23
CA PRO B 208 0.85 -1.38 0.78
C PRO B 208 1.05 -1.43 2.28
N PHE B 209 0.60 -2.54 2.89
CA PHE B 209 1.02 -2.92 4.25
C PHE B 209 2.03 -4.06 4.08
N VAL B 210 3.30 -3.84 4.42
CA VAL B 210 4.30 -4.87 4.13
C VAL B 210 4.92 -5.43 5.40
N MET B 211 5.39 -6.69 5.29
CA MET B 211 6.11 -7.30 6.40
C MET B 211 7.41 -7.92 5.89
N LYS B 212 8.46 -7.93 6.72
CA LYS B 212 9.71 -8.52 6.24
C LYS B 212 9.90 -9.92 6.78
N SER B 213 9.88 -10.93 5.93
CA SER B 213 9.96 -12.28 6.46
C SER B 213 11.30 -12.53 7.15
N PRO B 214 11.26 -13.06 8.36
CA PRO B 214 12.52 -13.35 9.06
C PRO B 214 13.12 -14.66 8.56
N PHE B 215 12.43 -15.34 7.67
CA PHE B 215 12.88 -16.64 7.19
C PHE B 215 13.77 -16.48 5.95
N ASN B 216 13.34 -15.58 5.05
CA ASN B 216 14.11 -15.37 3.82
C ASN B 216 14.44 -13.91 3.54
N ASN B 217 14.08 -13.07 4.50
CA ASN B 217 14.48 -11.68 4.58
C ASN B 217 14.00 -10.88 3.37
N ARG B 218 12.89 -11.31 2.79
CA ARG B 218 12.19 -10.61 1.73
C ARG B 218 10.96 -9.88 2.29
N TRP B 219 10.64 -8.75 1.67
CA TRP B 219 9.45 -7.96 1.97
C TRP B 219 8.25 -8.50 1.19
N TYR B 220 7.18 -8.79 1.89
CA TYR B 220 5.90 -9.21 1.36
C TYR B 220 4.80 -8.20 1.63
N GLN B 221 3.95 -7.97 0.61
CA GLN B 221 2.78 -7.14 0.82
C GLN B 221 1.59 -7.92 1.32
N MET B 222 1.26 -7.76 2.59
CA MET B 222 0.20 -8.58 3.18
C MET B 222 -1.14 -7.89 3.09
N GLY B 223 -1.10 -6.57 2.93
CA GLY B 223 -2.32 -5.80 3.00
C GLY B 223 -2.35 -4.62 2.05
N ILE B 224 -3.57 -4.12 1.83
CA ILE B 224 -3.77 -2.89 1.09
C ILE B 224 -4.56 -1.92 1.94
N VAL B 225 -4.15 -0.66 1.99
CA VAL B 225 -4.87 0.31 2.81
C VAL B 225 -6.28 0.46 2.28
N SER B 226 -7.28 0.16 3.10
CA SER B 226 -8.65 0.14 2.57
C SER B 226 -9.56 1.14 3.26
N TRP B 227 -9.78 1.06 4.57
CA TRP B 227 -10.68 2.04 5.17
C TRP B 227 -10.36 2.19 6.66
N GLY B 228 -10.99 3.21 7.23
CA GLY B 228 -10.93 3.43 8.68
C GLY B 228 -12.01 4.43 9.05
N GLU B 229 -12.24 4.58 10.34
CA GLU B 229 -13.20 5.61 10.77
C GLU B 229 -12.37 6.74 11.35
N GLY B 230 -12.30 7.84 10.61
CA GLY B 230 -11.37 8.90 11.03
C GLY B 230 -9.94 8.38 10.95
N CYS B 231 -8.97 9.06 11.53
CA CYS B 231 -7.58 8.58 11.40
C CYS B 231 -6.87 8.69 12.74
N ASP B 232 -6.18 7.62 13.12
CA ASP B 232 -5.44 7.60 14.36
C ASP B 232 -6.32 8.01 15.54
N ARG B 233 -7.55 7.50 15.54
CA ARG B 233 -8.45 7.74 16.67
C ARG B 233 -8.29 6.66 17.74
N ASP B 234 -8.22 7.06 19.01
CA ASP B 234 -8.17 6.08 20.09
C ASP B 234 -9.33 5.08 19.99
N GLY B 235 -8.96 3.82 20.08
CA GLY B 235 -9.82 2.66 20.04
C GLY B 235 -10.37 2.29 18.68
N LYS B 236 -9.89 2.97 17.63
CA LYS B 236 -10.24 2.62 16.26
C LYS B 236 -9.02 2.00 15.57
N TYR B 237 -9.23 1.15 14.56
CA TYR B 237 -8.05 0.60 13.89
C TYR B 237 -8.11 0.82 12.39
N GLY B 238 -6.97 0.70 11.70
CA GLY B 238 -7.05 0.81 10.24
C GLY B 238 -7.39 -0.57 9.68
N PHE B 239 -8.18 -0.61 8.62
CA PHE B 239 -8.59 -1.87 7.99
C PHE B 239 -7.89 -1.99 6.65
N TYR B 240 -7.40 -3.21 6.39
CA TYR B 240 -6.64 -3.52 5.21
C TYR B 240 -7.16 -4.71 4.43
N THR B 241 -7.07 -4.61 3.08
CA THR B 241 -7.36 -5.79 2.29
C THR B 241 -6.32 -6.89 2.51
N HIS B 242 -6.85 -8.09 2.72
CA HIS B 242 -6.09 -9.31 2.94
C HIS B 242 -5.60 -9.88 1.60
N VAL B 243 -4.38 -9.49 1.23
CA VAL B 243 -3.85 -9.81 -0.10
C VAL B 243 -3.83 -11.31 -0.33
N PHE B 244 -3.36 -12.12 0.61
CA PHE B 244 -3.27 -13.55 0.35
C PHE B 244 -4.65 -14.18 0.15
N ARG B 245 -5.69 -13.66 0.79
CA ARG B 245 -7.01 -14.27 0.61
C ARG B 245 -7.53 -14.03 -0.81
N LEU B 246 -6.97 -13.02 -1.48
CA LEU B 246 -7.45 -12.70 -2.81
C LEU B 246 -6.43 -13.09 -3.87
N LYS B 247 -5.51 -13.98 -3.47
CA LYS B 247 -4.39 -14.29 -4.34
C LYS B 247 -4.82 -15.06 -5.59
N LYS B 248 -5.75 -15.99 -5.41
CA LYS B 248 -6.30 -16.73 -6.55
C LYS B 248 -6.76 -15.77 -7.65
N TRP B 249 -7.53 -14.76 -7.25
CA TRP B 249 -7.98 -13.79 -8.25
C TRP B 249 -6.84 -13.05 -8.89
N ILE B 250 -5.84 -12.70 -8.09
CA ILE B 250 -4.70 -12.00 -8.67
C ILE B 250 -4.02 -12.85 -9.74
N GLN B 251 -3.85 -14.13 -9.42
CA GLN B 251 -3.12 -15.03 -10.32
C GLN B 251 -3.88 -15.22 -11.63
N LYS B 252 -5.18 -15.42 -11.46
CA LYS B 252 -6.02 -15.64 -12.65
C LYS B 252 -5.95 -14.42 -13.55
N VAL B 253 -6.08 -13.22 -12.99
CA VAL B 253 -6.02 -12.06 -13.89
C VAL B 253 -4.66 -11.98 -14.56
N ILE B 254 -3.58 -12.22 -13.82
CA ILE B 254 -2.27 -12.02 -14.43
C ILE B 254 -2.01 -13.11 -15.47
N ASP B 255 -2.46 -14.32 -15.18
CA ASP B 255 -2.27 -15.47 -16.05
C ASP B 255 -3.07 -15.32 -17.36
N GLN B 256 -4.25 -14.72 -17.24
CA GLN B 256 -5.14 -14.46 -18.36
C GLN B 256 -4.60 -13.34 -19.24
N PHE B 257 -4.28 -12.22 -18.59
CA PHE B 257 -3.94 -11.00 -19.33
C PHE B 257 -2.49 -10.59 -19.23
N ASP C 3 -0.32 22.59 -6.47
CA ASP C 3 0.96 22.58 -5.77
C ASP C 3 1.86 21.43 -6.24
N PHE C 4 1.40 20.70 -7.25
CA PHE C 4 2.23 19.67 -7.85
C PHE C 4 3.06 20.26 -8.99
N GLU C 5 4.36 20.03 -8.96
CA GLU C 5 5.16 20.54 -10.08
C GLU C 5 4.68 19.93 -11.39
N GLU C 6 4.69 20.69 -12.48
CA GLU C 6 4.24 20.07 -13.73
C GLU C 6 5.17 18.94 -14.14
N ILE C 7 4.60 17.95 -14.83
CA ILE C 7 5.38 16.81 -15.33
C ILE C 7 5.67 17.04 -16.80
N PRO C 8 6.59 16.29 -17.39
CA PRO C 8 6.86 16.46 -18.84
C PRO C 8 5.64 16.18 -19.71
N GLU C 9 5.45 17.05 -20.71
CA GLU C 9 4.33 16.95 -21.63
C GLU C 9 4.18 15.57 -22.25
N GLU C 10 5.29 14.88 -22.46
CA GLU C 10 5.23 13.53 -22.98
C GLU C 10 4.29 12.63 -22.18
N LEU C 12 1.63 13.36 -21.02
CA LEU C 12 0.35 13.93 -21.35
C LEU C 12 -0.26 14.64 -20.16
#